data_2JGN
#
_entry.id   2JGN
#
_cell.length_a   44.438
_cell.length_b   61.032
_cell.length_c   89.111
_cell.angle_alpha   90.00
_cell.angle_beta   101.67
_cell.angle_gamma   90.00
#
_symmetry.space_group_name_H-M   'P 1 21 1'
#
loop_
_entity.id
_entity.type
_entity.pdbx_description
1 polymer 'ATP-DEPENDENT RNA HELICASE DDX3X'
2 water water
#
_entity_poly.entity_id   1
_entity_poly.type   'polypeptide(L)'
_entity_poly.pdbx_seq_one_letter_code
;MHHHHHHENLYFQGSTSENITQKVVWVEESDKRSFLLDLLNATGKDSLTLVFVETKKGADSLEDFLYHEGYACTSIHGDR
SQRDREEALHQFRSGKSPILVATAVAARGLDISNVKHVINFDLPSDIEEYVHRIGRTGRVGNLGLATSFFNERNINITKD
LLDLLVEAKQEVPSWLENMAYEHHY
;
_entity_poly.pdbx_strand_id   A,B,C
#
# COMPACT_ATOMS: atom_id res chain seq x y z
N THR A 16 2.33 15.53 -9.86
CA THR A 16 1.86 14.10 -9.94
C THR A 16 1.93 13.52 -8.55
N SER A 17 1.12 12.50 -8.28
CA SER A 17 0.75 12.16 -6.90
C SER A 17 1.21 10.77 -6.48
N GLU A 18 2.36 10.30 -6.95
CA GLU A 18 2.85 8.95 -6.59
C GLU A 18 2.97 8.80 -5.08
N ASN A 19 3.26 9.90 -4.38
CA ASN A 19 3.49 9.86 -2.90
C ASN A 19 2.23 10.03 -2.04
N ILE A 20 1.09 9.84 -2.69
CA ILE A 20 -0.20 9.71 -2.03
C ILE A 20 -0.81 8.41 -2.41
N THR A 21 -0.95 7.53 -1.44
CA THR A 21 -1.59 6.21 -1.71
C THR A 21 -3.08 6.46 -1.94
N GLN A 22 -3.61 6.00 -3.07
CA GLN A 22 -4.99 6.28 -3.39
C GLN A 22 -5.78 5.00 -3.58
N LYS A 23 -6.87 4.90 -2.83
CA LYS A 23 -7.67 3.71 -2.82
C LYS A 23 -9.04 4.15 -3.35
N VAL A 24 -9.45 3.64 -4.47
CA VAL A 24 -10.71 4.09 -5.08
C VAL A 24 -11.60 2.89 -4.91
N VAL A 25 -12.68 3.05 -4.18
CA VAL A 25 -13.54 1.92 -3.93
C VAL A 25 -15.00 2.15 -4.38
N TRP A 26 -15.71 1.09 -4.77
CA TRP A 26 -17.10 1.25 -5.21
C TRP A 26 -18.04 1.30 -4.01
N VAL A 27 -18.84 2.37 -3.89
CA VAL A 27 -19.78 2.51 -2.79
C VAL A 27 -21.07 3.11 -3.34
N GLU A 28 -22.18 2.37 -3.23
CA GLU A 28 -23.50 2.89 -3.61
C GLU A 28 -23.92 4.02 -2.68
N GLU A 29 -24.67 5.01 -3.19
CA GLU A 29 -25.03 6.16 -2.36
C GLU A 29 -25.56 5.74 -1.00
N SER A 30 -26.46 4.75 -0.99
CA SER A 30 -27.15 4.35 0.24
C SER A 30 -26.20 3.65 1.22
N ASP A 31 -25.03 3.22 0.72
CA ASP A 31 -24.00 2.54 1.51
C ASP A 31 -22.91 3.45 2.03
N LYS A 32 -22.83 4.69 1.55
CA LYS A 32 -21.68 5.57 1.86
C LYS A 32 -21.55 5.83 3.36
N ARG A 33 -22.66 6.03 4.06
CA ARG A 33 -22.53 6.36 5.46
C ARG A 33 -22.01 5.18 6.30
N SER A 34 -22.53 3.95 6.13
CA SER A 34 -22.00 2.81 6.93
C SER A 34 -20.60 2.38 6.47
N PHE A 35 -20.32 2.55 5.18
CA PHE A 35 -18.97 2.29 4.66
C PHE A 35 -17.96 3.29 5.30
N LEU A 36 -18.40 4.53 5.50
CA LEU A 36 -17.55 5.55 6.15
C LEU A 36 -17.24 5.16 7.58
N LEU A 37 -18.24 4.68 8.32
CA LEU A 37 -18.00 4.21 9.67
C LEU A 37 -17.01 3.01 9.70
N ASP A 38 -17.23 1.99 8.87
CA ASP A 38 -16.24 0.88 8.75
C ASP A 38 -14.87 1.37 8.35
N LEU A 39 -14.79 2.34 7.43
CA LEU A 39 -13.51 2.84 6.99
C LEU A 39 -12.78 3.58 8.12
N LEU A 40 -13.54 4.31 8.91
CA LEU A 40 -12.93 5.18 9.88
C LEU A 40 -12.30 4.28 10.96
N ASN A 41 -13.07 3.25 11.34
CA ASN A 41 -12.66 2.22 12.30
C ASN A 41 -11.47 1.43 11.79
N ALA A 42 -11.53 1.09 10.51
CA ALA A 42 -10.47 0.36 9.80
C ALA A 42 -9.20 1.15 9.72
N THR A 43 -9.32 2.41 9.34
CA THR A 43 -8.11 3.21 9.16
C THR A 43 -7.56 3.57 10.57
N LYS A 45 -7.24 6.41 12.20
CA LYS A 45 -6.45 7.60 12.47
C LYS A 45 -7.07 8.32 13.67
N ASP A 46 -6.22 8.85 14.55
CA ASP A 46 -6.68 9.50 15.74
C ASP A 46 -7.08 10.92 15.43
N SER A 47 -6.63 11.43 14.28
CA SER A 47 -6.96 12.81 13.90
C SER A 47 -6.61 13.10 12.46
N LEU A 48 -7.01 14.29 12.03
CA LEU A 48 -6.71 14.82 10.72
C LEU A 48 -7.24 13.89 9.65
N THR A 49 -8.50 13.50 9.82
CA THR A 49 -9.24 12.84 8.74
C THR A 49 -10.12 13.93 8.10
N LEU A 50 -9.87 14.23 6.83
CA LEU A 50 -10.65 15.24 6.12
C LEU A 50 -11.63 14.56 5.13
N VAL A 51 -12.93 14.80 5.30
CA VAL A 51 -13.94 14.09 4.51
C VAL A 51 -14.60 15.12 3.60
N PHE A 52 -14.45 14.98 2.29
CA PHE A 52 -15.04 15.90 1.32
C PHE A 52 -16.40 15.42 0.86
N VAL A 53 -17.40 16.30 0.93
CA VAL A 53 -18.70 15.97 0.37
C VAL A 53 -19.09 16.98 -0.71
N GLU A 54 -20.06 16.60 -1.55
CA GLU A 54 -20.53 17.45 -2.66
C GLU A 54 -21.29 18.70 -2.25
N THR A 55 -22.18 18.63 -1.26
CA THR A 55 -23.04 19.81 -0.97
C THR A 55 -23.00 20.29 0.49
N LYS A 56 -23.36 21.54 0.70
CA LYS A 56 -23.45 22.14 2.03
C LYS A 56 -24.43 21.38 2.94
N LYS A 57 -25.57 20.99 2.37
CA LYS A 57 -26.56 20.24 3.12
C LYS A 57 -25.99 18.87 3.51
N GLY A 58 -25.20 18.30 2.61
CA GLY A 58 -24.53 17.03 2.82
C GLY A 58 -23.51 17.10 3.93
N ALA A 59 -22.77 18.20 3.96
CA ALA A 59 -21.76 18.43 5.00
C ALA A 59 -22.47 18.44 6.33
N ASP A 60 -23.48 19.29 6.40
CA ASP A 60 -24.30 19.42 7.56
C ASP A 60 -24.90 18.08 8.07
N SER A 61 -25.64 17.41 7.20
CA SER A 61 -26.26 16.18 7.62
C SER A 61 -25.22 15.09 7.99
N LEU A 62 -24.08 15.03 7.29
CA LEU A 62 -23.09 14.03 7.63
C LEU A 62 -22.46 14.29 9.02
N GLU A 63 -22.29 15.56 9.39
CA GLU A 63 -21.75 15.89 10.69
C GLU A 63 -22.68 15.40 11.80
N ASP A 64 -23.98 15.57 11.55
CA ASP A 64 -24.97 15.16 12.50
C ASP A 64 -25.05 13.66 12.64
N PHE A 65 -24.99 12.97 11.50
CA PHE A 65 -24.90 11.50 11.47
C PHE A 65 -23.72 11.00 12.32
N LEU A 66 -22.53 11.58 12.07
CA LEU A 66 -21.34 11.20 12.82
C LEU A 66 -21.46 11.51 14.28
N TYR A 67 -22.16 12.60 14.63
CA TYR A 67 -22.36 13.01 15.97
C TYR A 67 -23.19 11.94 16.72
N HIS A 68 -24.28 11.49 16.07
CA HIS A 68 -25.21 10.50 16.64
C HIS A 68 -24.66 9.09 16.62
N GLU A 69 -23.59 8.91 15.84
CA GLU A 69 -22.75 7.74 15.93
C GLU A 69 -21.74 7.76 17.06
N GLY A 70 -21.47 8.93 17.64
CA GLY A 70 -20.47 9.04 18.69
C GLY A 70 -19.08 9.49 18.28
N TYR A 71 -18.92 9.92 17.03
CA TYR A 71 -17.64 10.45 16.53
C TYR A 71 -17.61 11.93 16.78
N ALA A 72 -16.58 12.44 17.45
CA ALA A 72 -16.37 13.89 17.52
C ALA A 72 -15.98 14.36 16.12
N CYS A 73 -16.64 15.42 15.64
CA CYS A 73 -16.35 15.95 14.32
C CYS A 73 -16.82 17.39 14.25
N THR A 74 -16.31 18.12 13.25
CA THR A 74 -16.83 19.42 12.89
C THR A 74 -17.06 19.43 11.38
N SER A 75 -17.66 20.52 10.90
CA SER A 75 -17.83 20.77 9.47
C SER A 75 -17.54 22.20 9.11
N ILE A 76 -17.06 22.39 7.88
CA ILE A 76 -16.94 23.73 7.29
C ILE A 76 -17.72 23.78 5.97
N HIS A 77 -18.69 24.69 5.87
CA HIS A 77 -19.42 24.91 4.62
C HIS A 77 -20.14 26.23 4.69
N GLU A 86 -13.46 29.33 11.79
CA GLU A 86 -12.20 29.39 12.52
C GLU A 86 -12.18 28.39 13.67
N GLU A 87 -13.18 28.47 14.53
CA GLU A 87 -13.45 27.44 15.52
C GLU A 87 -13.22 26.05 14.92
N ALA A 88 -14.02 25.70 13.92
CA ALA A 88 -13.96 24.38 13.29
C ALA A 88 -12.52 24.01 12.91
N LEU A 89 -11.84 24.93 12.23
CA LEU A 89 -10.47 24.73 11.78
C LEU A 89 -9.50 24.60 12.97
N HIS A 90 -9.82 25.27 14.07
CA HIS A 90 -8.95 25.32 15.25
C HIS A 90 -9.07 24.06 16.12
N GLN A 91 -10.26 23.33 15.89
CA GLN A 91 -10.50 22.06 16.55
C GLN A 91 -9.79 20.93 15.80
N PHE A 92 -9.81 21.03 14.47
CA PHE A 92 -9.15 20.07 13.58
C PHE A 92 -7.65 19.99 13.90
N ARG A 93 -7.01 21.16 14.01
CA ARG A 93 -5.57 21.24 14.20
C ARG A 93 -5.17 20.65 15.56
N SER A 94 -5.84 21.07 16.62
CA SER A 94 -5.58 20.54 17.96
C SER A 94 -5.85 19.02 18.11
N GLY A 95 -6.65 18.45 17.21
CA GLY A 95 -7.08 17.06 17.33
C GLY A 95 -8.19 16.88 18.38
N LYS A 96 -8.79 17.98 18.81
CA LYS A 96 -10.04 17.89 19.55
C LYS A 96 -11.20 17.35 18.72
N SER A 97 -11.29 17.74 17.45
CA SER A 97 -12.17 17.08 16.50
C SER A 97 -11.36 16.37 15.41
N PRO A 98 -11.27 15.04 15.52
CA PRO A 98 -10.42 14.26 14.63
C PRO A 98 -10.92 14.26 13.20
N ILE A 99 -12.21 14.56 13.02
CA ILE A 99 -12.83 14.55 11.69
C ILE A 99 -13.38 15.92 11.29
N LEU A 100 -12.98 16.39 10.11
CA LEU A 100 -13.49 17.66 9.56
C LEU A 100 -14.23 17.31 8.31
N VAL A 101 -15.52 17.63 8.28
CA VAL A 101 -16.30 17.44 7.03
C VAL A 101 -16.35 18.77 6.27
N ALA A 102 -15.98 18.74 5.00
CA ALA A 102 -15.89 19.96 4.23
C ALA A 102 -16.50 19.82 2.86
N THR A 103 -17.05 20.91 2.37
CA THR A 103 -17.36 21.03 0.94
C THR A 103 -16.12 21.54 0.17
N ALA A 104 -16.12 21.33 -1.14
CA ALA A 104 -15.42 22.19 -2.11
C ALA A 104 -14.77 23.44 -1.48
N ASP A 111 -6.59 26.35 3.52
CA ASP A 111 -5.81 26.48 4.74
C ASP A 111 -5.41 25.12 5.35
N ILE A 112 -5.49 24.07 4.57
CA ILE A 112 -5.44 22.76 5.15
C ILE A 112 -4.46 21.87 4.33
N SER A 113 -3.41 21.37 4.99
CA SER A 113 -2.50 20.45 4.33
C SER A 113 -1.90 19.43 5.31
N ASN A 114 -1.21 18.41 4.77
CA ASN A 114 -0.60 17.35 5.58
C ASN A 114 -1.57 16.64 6.55
N VAL A 115 -2.80 16.39 6.11
CA VAL A 115 -3.75 15.58 6.90
C VAL A 115 -3.37 14.08 6.77
N LYS A 116 -3.86 13.29 7.73
CA LYS A 116 -3.54 11.88 7.84
C LYS A 116 -4.35 11.11 6.84
N HIS A 117 -5.57 11.53 6.58
CA HIS A 117 -6.39 10.77 5.59
C HIS A 117 -7.38 11.67 4.91
N VAL A 118 -7.37 11.67 3.57
CA VAL A 118 -8.41 12.35 2.81
C VAL A 118 -9.48 11.35 2.32
N ILE A 119 -10.75 11.63 2.62
CA ILE A 119 -11.82 10.75 2.20
C ILE A 119 -12.72 11.55 1.28
N ASN A 120 -12.77 11.15 -0.01
CA ASN A 120 -13.71 11.73 -0.92
C ASN A 120 -15.02 10.94 -0.83
N PHE A 121 -15.85 11.32 0.13
CA PHE A 121 -17.19 10.74 0.31
C PHE A 121 -18.00 10.97 -0.96
N ASP A 122 -17.90 12.17 -1.53
CA ASP A 122 -18.39 12.37 -2.89
C ASP A 122 -17.17 12.79 -3.71
N LEU A 123 -17.02 12.24 -4.90
CA LEU A 123 -16.00 12.67 -5.84
C LEU A 123 -16.48 13.92 -6.59
N PRO A 124 -15.55 14.77 -7.06
CA PRO A 124 -15.89 15.97 -7.86
C PRO A 124 -16.13 15.61 -9.32
N SER A 125 -16.50 16.58 -10.18
CA SER A 125 -16.80 16.24 -11.56
C SER A 125 -15.62 16.35 -12.53
N ASP A 126 -14.49 16.86 -12.05
CA ASP A 126 -13.29 16.91 -12.86
C ASP A 126 -12.04 16.57 -12.08
N ILE A 127 -11.06 15.99 -12.80
CA ILE A 127 -9.88 15.38 -12.20
C ILE A 127 -8.94 16.39 -11.51
N GLU A 128 -8.96 17.63 -11.99
CA GLU A 128 -8.18 18.75 -11.42
C GLU A 128 -8.60 19.04 -9.98
N GLU A 129 -9.91 19.01 -9.76
CA GLU A 129 -10.43 19.21 -8.44
C GLU A 129 -10.12 18.00 -7.54
N TYR A 130 -10.21 16.78 -8.08
CA TYR A 130 -9.68 15.60 -7.41
C TYR A 130 -8.21 15.80 -6.97
N VAL A 131 -7.38 16.32 -7.87
CA VAL A 131 -5.95 16.48 -7.56
C VAL A 131 -5.76 17.49 -6.42
N HIS A 132 -6.51 18.57 -6.48
CA HIS A 132 -6.48 19.58 -5.45
C HIS A 132 -6.83 18.99 -4.06
N ARG A 133 -7.83 18.13 -4.01
CA ARG A 133 -8.32 17.65 -2.73
C ARG A 133 -7.37 16.62 -2.15
N ILE A 134 -6.87 15.71 -3.01
CA ILE A 134 -5.93 14.71 -2.51
C ILE A 134 -4.57 15.32 -2.09
N GLY A 135 -4.26 16.52 -2.56
CA GLY A 135 -3.03 17.24 -2.19
C GLY A 135 -2.98 17.65 -0.73
N ARG A 136 -4.12 17.54 -0.03
CA ARG A 136 -4.22 17.97 1.36
C ARG A 136 -3.68 16.94 2.38
N THR A 137 -3.36 15.74 1.85
CA THR A 137 -2.66 14.71 2.64
C THR A 137 -1.21 14.54 2.16
N GLY A 138 -0.34 14.25 3.13
CA GLY A 138 1.03 13.99 2.85
C GLY A 138 1.89 15.24 2.89
N ARG A 139 3.19 15.02 3.02
CA ARG A 139 4.18 16.04 3.04
C ARG A 139 5.44 15.43 2.42
N VAL A 140 6.42 16.27 2.11
CA VAL A 140 7.67 15.77 1.56
C VAL A 140 8.27 14.73 2.53
N GLY A 141 8.60 13.57 1.99
CA GLY A 141 9.31 12.54 2.75
C GLY A 141 8.32 11.61 3.42
N ASN A 142 7.03 11.85 3.24
CA ASN A 142 6.04 10.94 3.82
C ASN A 142 4.99 10.56 2.75
N LEU A 143 4.17 9.54 3.01
CA LEU A 143 3.11 9.17 2.02
C LEU A 143 1.80 9.68 2.56
N GLY A 144 0.93 10.21 1.71
CA GLY A 144 -0.42 10.55 2.14
C GLY A 144 -1.32 9.35 1.88
N LEU A 145 -2.55 9.46 2.35
CA LEU A 145 -3.57 8.48 2.11
C LEU A 145 -4.86 9.16 1.68
N ALA A 146 -5.39 8.75 0.54
CA ALA A 146 -6.65 9.26 0.09
C ALA A 146 -7.54 8.13 -0.39
N THR A 147 -8.75 8.09 0.21
CA THR A 147 -9.73 7.04 -0.16
C THR A 147 -10.91 7.72 -0.86
N SER A 148 -11.35 7.20 -2.01
CA SER A 148 -12.44 7.83 -2.71
C SER A 148 -13.59 6.85 -2.94
N PHE A 149 -14.81 7.30 -2.67
CA PHE A 149 -16.03 6.49 -2.96
C PHE A 149 -16.53 6.82 -4.34
N PHE A 150 -16.88 5.78 -5.10
CA PHE A 150 -17.21 5.92 -6.50
C PHE A 150 -18.44 5.10 -6.77
N ASN A 151 -19.35 5.64 -7.56
CA ASN A 151 -20.49 4.86 -8.12
C ASN A 151 -20.93 5.42 -9.49
N GLU A 152 -22.07 5.01 -10.04
CA GLU A 152 -22.48 5.41 -11.40
C GLU A 152 -22.56 6.94 -11.59
N ARG A 153 -22.78 7.65 -10.48
CA ARG A 153 -22.81 9.13 -10.47
C ARG A 153 -21.49 9.74 -10.96
N ASN A 154 -20.43 8.95 -10.85
CA ASN A 154 -19.07 9.38 -11.14
C ASN A 154 -18.58 8.92 -12.54
N ILE A 155 -19.49 8.40 -13.37
CA ILE A 155 -19.05 7.87 -14.70
C ILE A 155 -18.31 8.92 -15.54
N ASN A 156 -18.69 10.18 -15.40
CA ASN A 156 -18.04 11.33 -16.04
C ASN A 156 -16.51 11.42 -15.79
N ILE A 157 -16.05 11.02 -14.61
CA ILE A 157 -14.64 11.15 -14.27
C ILE A 157 -13.86 9.80 -14.43
N THR A 158 -14.54 8.76 -14.94
CA THR A 158 -13.99 7.39 -14.96
C THR A 158 -12.60 7.30 -15.63
N LYS A 159 -12.53 7.72 -16.89
CA LYS A 159 -11.25 7.63 -17.63
C LYS A 159 -10.10 8.51 -17.09
N ASP A 160 -10.43 9.72 -16.70
CA ASP A 160 -9.44 10.60 -16.13
C ASP A 160 -8.88 10.02 -14.81
N LEU A 161 -9.76 9.50 -13.95
CA LEU A 161 -9.31 8.88 -12.72
C LEU A 161 -8.44 7.66 -13.05
N LEU A 162 -8.85 6.84 -14.02
CA LEU A 162 -8.05 5.70 -14.44
C LEU A 162 -6.66 6.14 -14.86
N ASP A 163 -6.57 7.10 -15.76
CA ASP A 163 -5.26 7.50 -16.29
C ASP A 163 -4.39 8.05 -15.17
N LEU A 164 -4.99 8.83 -14.28
CA LEU A 164 -4.23 9.37 -13.14
C LEU A 164 -3.68 8.25 -12.26
N LEU A 165 -4.52 7.27 -11.95
CA LEU A 165 -4.07 6.14 -11.11
C LEU A 165 -2.95 5.34 -11.78
N VAL A 166 -3.04 5.18 -13.11
CA VAL A 166 -1.98 4.47 -13.83
C VAL A 166 -0.68 5.24 -13.82
N GLU A 167 -0.72 6.54 -14.08
CA GLU A 167 0.54 7.28 -14.11
C GLU A 167 1.16 7.45 -12.74
N ALA A 168 0.34 7.39 -11.68
CA ALA A 168 0.82 7.50 -10.34
C ALA A 168 1.17 6.12 -9.78
N LYS A 169 1.15 5.12 -10.66
CA LYS A 169 1.41 3.72 -10.30
C LYS A 169 0.61 3.26 -9.09
N GLN A 170 -0.69 3.63 -9.06
CA GLN A 170 -1.55 3.28 -7.93
C GLN A 170 -2.34 2.01 -8.26
N GLU A 171 -2.97 1.41 -7.25
CA GLU A 171 -3.87 0.26 -7.49
C GLU A 171 -5.03 0.64 -8.37
N VAL A 172 -5.26 -0.13 -9.42
CA VAL A 172 -6.39 0.08 -10.28
C VAL A 172 -7.33 -1.13 -10.16
N PRO A 173 -8.55 -0.87 -9.66
CA PRO A 173 -9.62 -1.83 -9.51
C PRO A 173 -10.05 -2.35 -10.89
N SER A 174 -10.29 -3.65 -11.03
CA SER A 174 -10.73 -4.25 -12.28
C SER A 174 -11.97 -3.52 -12.82
N TRP A 175 -12.87 -3.14 -11.92
CA TRP A 175 -14.12 -2.49 -12.32
C TRP A 175 -13.90 -1.16 -12.98
N LEU A 176 -12.85 -0.44 -12.58
CA LEU A 176 -12.63 0.88 -13.13
C LEU A 176 -12.10 0.75 -14.54
N GLU A 177 -11.17 -0.17 -14.68
CA GLU A 177 -10.57 -0.42 -15.96
C GLU A 177 -11.64 -0.83 -16.94
N ASN A 178 -12.59 -1.64 -16.50
CA ASN A 178 -13.57 -2.20 -17.42
C ASN A 178 -14.67 -1.19 -17.83
N MET A 179 -15.00 -0.31 -16.89
CA MET A 179 -15.89 0.85 -17.11
C MET A 179 -15.29 1.98 -17.95
N ALA A 180 -13.98 2.22 -17.83
CA ALA A 180 -13.32 3.12 -18.77
C ALA A 180 -13.28 2.47 -20.16
N TYR A 181 -13.09 1.15 -20.17
CA TYR A 181 -13.17 0.18 -21.31
C TYR A 181 -11.84 -0.50 -21.65
N GLY B 14 -24.26 -3.24 0.34
CA GLY B 14 -23.89 -3.60 -1.08
C GLY B 14 -23.44 -5.05 -1.33
N SER B 15 -23.23 -5.39 -2.59
CA SER B 15 -22.81 -6.75 -3.03
C SER B 15 -21.58 -7.26 -2.29
N THR B 16 -21.55 -8.54 -1.93
CA THR B 16 -20.38 -9.09 -1.19
C THR B 16 -19.12 -9.02 -2.08
N SER B 17 -19.32 -9.07 -3.38
CA SER B 17 -18.19 -9.03 -4.31
C SER B 17 -17.70 -7.60 -4.67
N GLU B 18 -18.31 -6.57 -4.09
CA GLU B 18 -17.80 -5.21 -4.30
C GLU B 18 -16.36 -5.17 -3.78
N ASN B 19 -15.51 -4.48 -4.55
CA ASN B 19 -14.14 -4.13 -4.11
C ASN B 19 -13.27 -5.36 -3.89
N ILE B 20 -13.57 -6.40 -4.67
CA ILE B 20 -12.73 -7.59 -4.79
C ILE B 20 -12.42 -7.78 -6.27
N THR B 21 -11.14 -7.85 -6.62
CA THR B 21 -10.76 -8.23 -7.98
C THR B 21 -10.84 -9.76 -8.10
N GLN B 22 -11.66 -10.25 -9.05
CA GLN B 22 -11.93 -11.69 -9.22
C GLN B 22 -11.21 -12.12 -10.47
N LYS B 23 -10.28 -13.04 -10.34
CA LYS B 23 -9.50 -13.54 -11.52
C LYS B 23 -9.80 -15.02 -11.65
N VAL B 24 -10.62 -15.38 -12.62
CA VAL B 24 -10.97 -16.78 -12.85
C VAL B 24 -10.14 -17.27 -14.04
N VAL B 25 -9.42 -18.34 -13.84
CA VAL B 25 -8.47 -18.81 -14.85
C VAL B 25 -8.65 -20.29 -15.14
N TRP B 26 -8.40 -20.74 -16.37
CA TRP B 26 -8.62 -22.14 -16.71
C TRP B 26 -7.41 -22.91 -16.26
N VAL B 27 -7.60 -23.94 -15.43
CA VAL B 27 -6.46 -24.79 -15.04
C VAL B 27 -6.84 -26.27 -14.95
N GLU B 28 -6.18 -27.11 -15.75
CA GLU B 28 -6.40 -28.54 -15.71
C GLU B 28 -5.91 -29.06 -14.36
N GLU B 29 -6.55 -30.11 -13.82
CA GLU B 29 -6.20 -30.71 -12.53
C GLU B 29 -4.70 -30.94 -12.34
N SER B 30 -4.08 -31.56 -13.34
CA SER B 30 -2.67 -31.87 -13.32
C SER B 30 -1.71 -30.66 -13.34
N ASP B 31 -2.24 -29.43 -13.49
CA ASP B 31 -1.39 -28.24 -13.48
C ASP B 31 -1.70 -27.36 -12.30
N LYS B 32 -2.66 -27.75 -11.45
CA LYS B 32 -3.05 -26.87 -10.36
C LYS B 32 -1.94 -26.56 -9.38
N ARG B 33 -1.10 -27.55 -9.03
CA ARG B 33 -0.04 -27.31 -8.06
C ARG B 33 1.03 -26.40 -8.58
N SER B 34 1.42 -26.63 -9.83
CA SER B 34 2.44 -25.84 -10.50
C SER B 34 1.97 -24.39 -10.67
N PHE B 35 0.73 -24.22 -11.12
CA PHE B 35 0.06 -22.93 -11.16
C PHE B 35 0.00 -22.23 -9.78
N LEU B 36 -0.31 -22.97 -8.73
CA LEU B 36 -0.43 -22.35 -7.43
C LEU B 36 0.96 -21.81 -7.05
N LEU B 37 2.01 -22.60 -7.29
CA LEU B 37 3.37 -22.18 -6.91
C LEU B 37 3.74 -20.90 -7.63
N ASP B 38 3.55 -20.91 -8.95
CA ASP B 38 3.80 -19.72 -9.75
C ASP B 38 2.97 -18.61 -9.17
N LEU B 39 1.74 -18.93 -8.77
CA LEU B 39 0.85 -17.90 -8.30
C LEU B 39 1.24 -17.31 -6.97
N LEU B 40 1.71 -18.12 -6.03
CA LEU B 40 2.24 -17.66 -4.75
C LEU B 40 3.53 -16.85 -4.91
N ASN B 41 4.38 -17.24 -5.87
CA ASN B 41 5.58 -16.45 -6.25
C ASN B 41 5.23 -15.09 -6.89
N ALA B 42 4.20 -15.09 -7.71
CA ALA B 42 3.91 -13.92 -8.53
C ALA B 42 3.06 -12.87 -7.82
N THR B 43 2.30 -13.31 -6.82
CA THR B 43 1.53 -12.39 -5.97
C THR B 43 2.41 -11.92 -4.82
N GLY B 44 3.45 -12.70 -4.51
CA GLY B 44 4.35 -12.41 -3.37
C GLY B 44 3.60 -12.08 -2.09
N SER B 47 2.23 -12.49 3.93
CA SER B 47 0.97 -12.00 3.38
C SER B 47 -0.19 -13.06 3.29
N LEU B 48 -1.33 -12.76 3.95
CA LEU B 48 -2.40 -13.73 4.28
C LEU B 48 -3.08 -14.31 3.06
N THR B 49 -2.88 -15.60 2.78
CA THR B 49 -3.51 -16.20 1.58
C THR B 49 -4.35 -17.39 2.07
N LEU B 50 -5.63 -17.44 1.71
CA LEU B 50 -6.47 -18.55 2.15
C LEU B 50 -6.74 -19.37 0.90
N VAL B 51 -6.44 -20.68 0.93
CA VAL B 51 -6.53 -21.51 -0.28
C VAL B 51 -7.67 -22.54 -0.03
N PHE B 52 -8.69 -22.59 -0.87
CA PHE B 52 -9.79 -23.49 -0.56
C PHE B 52 -9.64 -24.73 -1.44
N VAL B 53 -9.75 -25.92 -0.84
CA VAL B 53 -9.68 -27.17 -1.61
C VAL B 53 -10.97 -27.99 -1.42
N GLU B 54 -11.19 -29.03 -2.25
CA GLU B 54 -12.45 -29.82 -2.18
C GLU B 54 -12.54 -30.81 -1.03
N THR B 55 -11.47 -31.53 -0.74
CA THR B 55 -11.55 -32.69 0.17
C THR B 55 -10.48 -32.61 1.26
N LYS B 56 -10.72 -33.29 2.38
CA LYS B 56 -9.73 -33.52 3.43
C LYS B 56 -8.40 -34.07 2.91
N LYS B 57 -8.44 -35.12 2.10
CA LYS B 57 -7.20 -35.66 1.51
C LYS B 57 -6.46 -34.64 0.65
N GLY B 58 -7.21 -33.81 -0.08
CA GLY B 58 -6.66 -32.70 -0.85
C GLY B 58 -5.99 -31.64 0.02
N ALA B 59 -6.66 -31.23 1.10
CA ALA B 59 -6.10 -30.23 2.00
C ALA B 59 -4.78 -30.70 2.60
N ASP B 60 -4.74 -31.94 3.13
CA ASP B 60 -3.53 -32.58 3.67
C ASP B 60 -2.35 -32.65 2.71
N SER B 61 -2.64 -33.15 1.51
CA SER B 61 -1.64 -33.37 0.49
C SER B 61 -1.06 -32.06 -0.07
N LEU B 62 -1.93 -31.07 -0.27
CA LEU B 62 -1.49 -29.74 -0.69
C LEU B 62 -0.61 -29.07 0.41
N GLU B 63 -0.99 -29.22 1.67
CA GLU B 63 -0.20 -28.60 2.75
C GLU B 63 1.19 -29.20 2.75
N ASP B 64 1.27 -30.52 2.55
CA ASP B 64 2.55 -31.19 2.52
C ASP B 64 3.33 -30.70 1.31
N PHE B 65 2.66 -30.62 0.17
CA PHE B 65 3.25 -30.03 -1.05
C PHE B 65 3.89 -28.65 -0.82
N LEU B 66 3.11 -27.73 -0.22
CA LEU B 66 3.57 -26.36 0.05
C LEU B 66 4.67 -26.31 1.11
N TYR B 67 4.59 -27.18 2.12
CA TYR B 67 5.58 -27.31 3.19
C TYR B 67 6.90 -27.76 2.58
N HIS B 68 6.84 -28.73 1.66
CA HIS B 68 8.00 -29.19 0.94
C HIS B 68 8.66 -28.09 0.11
N GLU B 69 7.85 -27.32 -0.60
CA GLU B 69 8.32 -26.25 -1.51
C GLU B 69 8.81 -24.97 -0.81
N GLY B 70 8.87 -24.99 0.53
CA GLY B 70 9.42 -23.89 1.33
C GLY B 70 8.44 -22.99 2.08
N TYR B 71 7.14 -23.22 1.90
CA TYR B 71 6.14 -22.33 2.45
C TYR B 71 5.73 -22.70 3.89
N ALA B 72 5.57 -21.67 4.73
CA ALA B 72 5.06 -21.83 6.09
C ALA B 72 3.53 -21.75 5.95
N CYS B 73 2.87 -22.85 6.27
CA CYS B 73 1.45 -22.95 5.97
C CYS B 73 0.83 -23.87 6.97
N THR B 74 -0.49 -23.81 7.03
CA THR B 74 -1.26 -24.66 7.93
C THR B 74 -2.52 -25.11 7.20
N SER B 75 -3.32 -25.95 7.83
CA SER B 75 -4.50 -26.45 7.17
C SER B 75 -5.64 -26.68 8.16
N ILE B 76 -6.87 -26.50 7.67
CA ILE B 76 -8.03 -26.89 8.46
C ILE B 76 -8.92 -27.73 7.61
N HIS B 77 -9.40 -28.88 8.13
CA HIS B 77 -10.41 -29.67 7.42
C HIS B 77 -11.22 -30.44 8.42
N GLY B 78 -12.18 -31.22 7.91
CA GLY B 78 -13.09 -32.04 8.76
C GLY B 78 -12.48 -32.98 9.77
N ASP B 79 -11.31 -33.52 9.47
CA ASP B 79 -10.64 -34.42 10.42
C ASP B 79 -9.62 -33.75 11.36
N ARG B 80 -9.52 -32.42 11.35
CA ARG B 80 -8.70 -31.73 12.37
C ARG B 80 -9.43 -31.52 13.70
N SER B 81 -8.78 -31.86 14.81
CA SER B 81 -9.31 -31.61 16.17
C SER B 81 -9.65 -30.12 16.37
N GLN B 82 -10.52 -29.81 17.32
CA GLN B 82 -10.94 -28.43 17.49
C GLN B 82 -9.76 -27.56 17.96
N ARG B 83 -8.89 -28.13 18.80
CA ARG B 83 -7.62 -27.52 19.17
C ARG B 83 -6.78 -27.20 17.94
N ASP B 84 -6.56 -28.22 17.10
CA ASP B 84 -5.72 -28.06 15.91
C ASP B 84 -6.31 -27.02 14.99
N ARG B 85 -7.64 -26.96 14.87
CA ARG B 85 -8.28 -25.93 14.05
C ARG B 85 -8.05 -24.50 14.60
N GLU B 86 -8.21 -24.32 15.92
CA GLU B 86 -8.02 -23.01 16.59
C GLU B 86 -6.59 -22.55 16.50
N GLU B 87 -5.64 -23.50 16.60
CA GLU B 87 -4.22 -23.21 16.49
C GLU B 87 -3.81 -22.78 15.11
N ALA B 88 -4.33 -23.46 14.09
CA ALA B 88 -4.03 -23.17 12.69
C ALA B 88 -4.49 -21.76 12.33
N LEU B 89 -5.76 -21.49 12.59
CA LEU B 89 -6.37 -20.16 12.49
C LEU B 89 -5.52 -19.08 13.19
N HIS B 90 -5.05 -19.39 14.41
CA HIS B 90 -4.22 -18.50 15.16
C HIS B 90 -2.85 -18.23 14.52
N GLN B 91 -2.24 -19.29 13.98
CA GLN B 91 -0.96 -19.14 13.31
C GLN B 91 -1.15 -18.36 12.03
N PHE B 92 -2.29 -18.57 11.40
CA PHE B 92 -2.65 -17.86 10.19
C PHE B 92 -2.74 -16.36 10.49
N ARG B 93 -3.58 -15.97 11.44
CA ARG B 93 -3.90 -14.57 11.68
C ARG B 93 -2.74 -13.80 12.23
N SER B 94 -2.03 -14.40 13.20
CA SER B 94 -0.79 -13.80 13.73
C SER B 94 0.30 -13.60 12.65
N GLY B 95 0.12 -14.19 11.48
CA GLY B 95 1.09 -14.12 10.38
C GLY B 95 2.19 -15.15 10.46
N LYS B 96 2.18 -15.99 11.49
CA LYS B 96 3.21 -17.00 11.62
C LYS B 96 3.22 -18.05 10.51
N SER B 97 2.03 -18.46 10.06
CA SER B 97 1.83 -19.37 8.93
C SER B 97 0.93 -18.64 7.98
N PRO B 98 1.52 -17.85 7.06
CA PRO B 98 0.79 -17.01 6.09
C PRO B 98 -0.10 -17.68 5.06
N ILE B 99 0.06 -18.98 4.82
CA ILE B 99 -0.88 -19.69 3.95
C ILE B 99 -1.73 -20.63 4.77
N LEU B 100 -3.06 -20.55 4.61
CA LEU B 100 -3.94 -21.53 5.25
C LEU B 100 -4.67 -22.29 4.19
N VAL B 101 -4.53 -23.61 4.18
CA VAL B 101 -5.28 -24.41 3.24
C VAL B 101 -6.54 -24.88 3.96
N ALA B 102 -7.70 -24.68 3.36
CA ALA B 102 -8.92 -25.05 4.01
C ALA B 102 -9.94 -25.73 3.07
N THR B 103 -10.71 -26.66 3.64
CA THR B 103 -11.94 -27.10 3.00
C THR B 103 -13.11 -26.22 3.47
N ALA B 104 -14.23 -26.29 2.73
CA ALA B 104 -15.41 -25.46 3.00
C ALA B 104 -15.88 -25.57 4.44
N VAL B 105 -15.98 -26.81 4.93
CA VAL B 105 -16.40 -27.07 6.32
C VAL B 105 -15.18 -26.87 7.25
N ALA B 106 -15.26 -25.83 8.08
CA ALA B 106 -14.11 -25.30 8.82
C ALA B 106 -13.84 -23.85 8.38
N ILE B 112 -12.79 -15.92 9.96
CA ILE B 112 -11.69 -15.70 9.01
C ILE B 112 -12.07 -14.61 8.01
N SER B 113 -11.42 -13.45 8.07
CA SER B 113 -11.71 -12.41 7.07
C SER B 113 -10.54 -11.47 6.94
N ASN B 114 -10.69 -10.56 5.99
CA ASN B 114 -9.70 -9.54 5.70
C ASN B 114 -8.39 -10.16 5.21
N VAL B 115 -8.48 -11.27 4.50
CA VAL B 115 -7.27 -11.83 3.94
C VAL B 115 -6.86 -11.07 2.68
N LYS B 116 -5.57 -11.11 2.37
CA LYS B 116 -5.03 -10.44 1.18
C LYS B 116 -5.41 -11.16 -0.11
N HIS B 117 -5.46 -12.49 -0.07
CA HIS B 117 -5.70 -13.29 -1.31
C HIS B 117 -6.54 -14.50 -0.97
N VAL B 118 -7.67 -14.70 -1.65
CA VAL B 118 -8.40 -16.00 -1.56
C VAL B 118 -8.11 -16.74 -2.87
N ILE B 119 -7.65 -17.98 -2.77
CA ILE B 119 -7.43 -18.84 -3.96
C ILE B 119 -8.43 -20.00 -3.91
N ASN B 120 -9.32 -20.05 -4.90
CA ASN B 120 -10.15 -21.26 -5.08
C ASN B 120 -9.39 -22.27 -5.92
N PHE B 121 -8.60 -23.11 -5.24
CA PHE B 121 -7.80 -24.13 -5.91
C PHE B 121 -8.78 -25.15 -6.58
N ASP B 122 -9.85 -25.43 -5.84
CA ASP B 122 -11.03 -26.14 -6.32
C ASP B 122 -12.22 -25.23 -6.08
N LEU B 123 -13.11 -25.15 -7.07
CA LEU B 123 -14.30 -24.32 -6.94
C LEU B 123 -15.44 -25.12 -6.31
N PRO B 124 -16.40 -24.42 -5.65
CA PRO B 124 -17.60 -25.13 -5.16
C PRO B 124 -18.60 -25.35 -6.30
N SER B 125 -19.66 -26.12 -6.05
CA SER B 125 -20.69 -26.30 -7.08
C SER B 125 -21.79 -25.24 -7.05
N ASP B 126 -21.86 -24.50 -5.94
CA ASP B 126 -22.87 -23.48 -5.68
C ASP B 126 -22.23 -22.08 -5.71
N ILE B 127 -22.83 -21.20 -6.47
CA ILE B 127 -22.34 -19.82 -6.56
C ILE B 127 -22.45 -19.10 -5.21
N GLU B 128 -23.45 -19.45 -4.39
CA GLU B 128 -23.56 -18.84 -3.02
C GLU B 128 -22.36 -19.15 -2.09
N GLU B 129 -21.83 -20.37 -2.20
CA GLU B 129 -20.56 -20.78 -1.56
C GLU B 129 -19.40 -20.02 -2.14
N TYR B 130 -19.34 -19.91 -3.48
CA TYR B 130 -18.30 -19.05 -4.08
C TYR B 130 -18.34 -17.66 -3.52
N VAL B 131 -19.53 -17.04 -3.45
CA VAL B 131 -19.64 -15.66 -2.87
C VAL B 131 -19.09 -15.58 -1.44
N HIS B 132 -19.49 -16.53 -0.60
CA HIS B 132 -19.06 -16.59 0.79
C HIS B 132 -17.56 -16.75 0.95
N ARG B 133 -16.97 -17.53 0.07
CA ARG B 133 -15.51 -17.70 0.07
C ARG B 133 -14.76 -16.44 -0.28
N ILE B 134 -15.15 -15.83 -1.39
CA ILE B 134 -14.40 -14.62 -1.80
C ILE B 134 -14.65 -13.42 -0.90
N GLY B 135 -15.82 -13.38 -0.23
CA GLY B 135 -16.10 -12.33 0.77
C GLY B 135 -15.09 -12.28 1.92
N ARG B 136 -14.21 -13.27 1.97
CA ARG B 136 -13.21 -13.35 3.05
C ARG B 136 -11.95 -12.55 2.76
N THR B 137 -11.77 -12.11 1.51
CA THR B 137 -10.65 -11.23 1.20
C THR B 137 -11.07 -9.77 1.15
N GLY B 138 -10.19 -8.94 1.69
CA GLY B 138 -10.31 -7.52 1.50
C GLY B 138 -10.89 -6.93 2.74
N ARG B 139 -10.54 -5.66 2.95
CA ARG B 139 -10.98 -4.92 4.10
C ARG B 139 -11.72 -3.74 3.53
N VAL B 140 -12.66 -3.16 4.27
CA VAL B 140 -13.23 -1.87 3.89
C VAL B 140 -12.10 -0.87 3.59
N GLY B 141 -12.14 -0.24 2.42
CA GLY B 141 -11.18 0.81 2.18
C GLY B 141 -10.06 0.27 1.32
N ASN B 142 -9.94 -1.04 1.20
CA ASN B 142 -9.03 -1.59 0.20
C ASN B 142 -9.68 -2.57 -0.75
N LEU B 143 -8.85 -3.15 -1.62
CA LEU B 143 -9.35 -4.04 -2.64
C LEU B 143 -8.85 -5.48 -2.37
N GLY B 144 -9.77 -6.43 -2.32
CA GLY B 144 -9.37 -7.81 -2.13
C GLY B 144 -9.05 -8.43 -3.49
N LEU B 145 -8.56 -9.67 -3.44
CA LEU B 145 -8.12 -10.40 -4.63
C LEU B 145 -8.57 -11.81 -4.42
N ALA B 146 -9.36 -12.32 -5.38
CA ALA B 146 -9.82 -13.67 -5.29
C ALA B 146 -9.47 -14.37 -6.61
N THR B 147 -8.60 -15.37 -6.56
CA THR B 147 -8.21 -16.09 -7.86
C THR B 147 -8.83 -17.48 -7.87
N SER B 148 -9.42 -17.93 -9.00
CA SER B 148 -10.16 -19.22 -8.95
C SER B 148 -9.68 -20.08 -10.12
N PHE B 149 -9.38 -21.35 -9.84
CA PHE B 149 -8.93 -22.27 -10.90
C PHE B 149 -10.15 -22.98 -11.41
N PHE B 150 -10.32 -23.11 -12.74
CA PHE B 150 -11.56 -23.61 -13.33
C PHE B 150 -11.19 -24.65 -14.40
N ASN B 151 -11.96 -25.75 -14.48
CA ASN B 151 -11.80 -26.67 -15.63
C ASN B 151 -13.14 -27.40 -15.85
N GLU B 152 -13.17 -28.44 -16.67
CA GLU B 152 -14.45 -29.06 -17.05
C GLU B 152 -15.29 -29.61 -15.90
N ARG B 153 -14.63 -29.92 -14.79
CA ARG B 153 -15.27 -30.30 -13.56
C ARG B 153 -16.24 -29.23 -13.03
N ASN B 154 -16.13 -27.99 -13.51
CA ASN B 154 -16.89 -26.85 -12.96
C ASN B 154 -17.96 -26.30 -13.88
N ILE B 155 -18.29 -27.03 -14.96
CA ILE B 155 -19.41 -26.66 -15.86
C ILE B 155 -20.69 -26.29 -15.10
N ASN B 156 -20.92 -26.97 -13.97
CA ASN B 156 -22.11 -26.71 -13.21
C ASN B 156 -22.27 -25.29 -12.65
N ILE B 157 -21.17 -24.56 -12.48
CA ILE B 157 -21.26 -23.21 -11.96
C ILE B 157 -21.07 -22.14 -13.07
N THR B 158 -20.91 -22.56 -14.33
CA THR B 158 -20.51 -21.65 -15.37
C THR B 158 -21.39 -20.42 -15.51
N LYS B 159 -22.69 -20.63 -15.65
CA LYS B 159 -23.63 -19.57 -15.89
C LYS B 159 -23.71 -18.61 -14.72
N ASP B 160 -23.82 -19.12 -13.50
CA ASP B 160 -23.94 -18.20 -12.36
C ASP B 160 -22.61 -17.46 -12.10
N LEU B 161 -21.47 -18.12 -12.33
CA LEU B 161 -20.14 -17.47 -12.23
C LEU B 161 -20.01 -16.39 -13.30
N LEU B 162 -20.28 -16.73 -14.53
CA LEU B 162 -20.35 -15.69 -15.58
C LEU B 162 -21.22 -14.48 -15.19
N ASP B 163 -22.47 -14.70 -14.78
CA ASP B 163 -23.38 -13.57 -14.48
C ASP B 163 -22.78 -12.67 -13.35
N LEU B 164 -22.14 -13.32 -12.39
CA LEU B 164 -21.57 -12.62 -11.26
C LEU B 164 -20.41 -11.71 -11.69
N LEU B 165 -19.50 -12.24 -12.51
CA LEU B 165 -18.38 -11.45 -13.04
C LEU B 165 -18.86 -10.26 -13.86
N VAL B 166 -19.86 -10.48 -14.67
CA VAL B 166 -20.35 -9.44 -15.56
C VAL B 166 -20.98 -8.36 -14.72
N GLU B 167 -21.75 -8.74 -13.72
CA GLU B 167 -22.42 -7.71 -12.92
C GLU B 167 -21.42 -6.93 -12.09
N ALA B 168 -20.34 -7.59 -11.65
CA ALA B 168 -19.28 -6.98 -10.85
C ALA B 168 -18.23 -6.28 -11.67
N LYS B 169 -18.47 -6.17 -12.98
CA LYS B 169 -17.54 -5.53 -13.94
C LYS B 169 -16.11 -6.06 -13.87
N GLN B 170 -15.98 -7.40 -13.70
CA GLN B 170 -14.71 -8.10 -13.63
C GLN B 170 -14.36 -8.64 -14.99
N GLU B 171 -13.10 -9.07 -15.15
CA GLU B 171 -12.68 -9.58 -16.44
C GLU B 171 -13.42 -10.87 -16.72
N VAL B 172 -13.86 -11.04 -17.93
CA VAL B 172 -14.60 -12.27 -18.28
C VAL B 172 -13.77 -13.09 -19.32
N PRO B 173 -13.30 -14.29 -18.94
CA PRO B 173 -12.59 -15.15 -19.88
C PRO B 173 -13.51 -15.47 -21.03
N SER B 174 -12.94 -15.47 -22.23
CA SER B 174 -13.65 -15.85 -23.45
C SER B 174 -14.24 -17.25 -23.33
N TRP B 175 -13.44 -18.13 -22.75
CA TRP B 175 -13.81 -19.53 -22.56
C TRP B 175 -15.03 -19.63 -21.64
N LEU B 176 -15.15 -18.73 -20.66
CA LEU B 176 -16.30 -18.72 -19.76
C LEU B 176 -17.60 -18.41 -20.53
N GLU B 177 -17.58 -17.37 -21.37
CA GLU B 177 -18.72 -17.00 -22.16
C GLU B 177 -19.09 -18.10 -23.14
N ASN B 178 -18.08 -18.77 -23.74
CA ASN B 178 -18.34 -19.91 -24.66
C ASN B 178 -19.09 -21.04 -23.98
N MET B 179 -18.58 -21.43 -22.82
CA MET B 179 -19.14 -22.54 -22.07
C MET B 179 -20.53 -22.21 -21.55
N ALA B 180 -20.73 -20.97 -21.12
CA ALA B 180 -22.07 -20.54 -20.72
C ALA B 180 -23.01 -20.63 -21.92
N TYR B 181 -22.47 -20.29 -23.09
CA TYR B 181 -23.11 -20.51 -24.43
C TYR B 181 -23.44 -19.26 -25.25
N SER C 17 16.27 -4.28 10.30
CA SER C 17 16.27 -2.76 10.43
C SER C 17 14.91 -2.16 10.91
N GLU C 18 14.17 -2.93 11.72
CA GLU C 18 12.90 -2.54 12.32
C GLU C 18 12.96 -1.18 12.95
N ASN C 19 14.07 -0.92 13.66
CA ASN C 19 14.18 0.34 14.44
C ASN C 19 14.79 1.49 13.67
N ILE C 20 14.83 1.37 12.35
CA ILE C 20 15.10 2.52 11.50
C ILE C 20 13.86 2.76 10.74
N THR C 21 13.20 3.88 10.99
CA THR C 21 12.02 4.22 10.19
C THR C 21 12.46 4.56 8.74
N GLN C 22 11.93 3.84 7.74
CA GLN C 22 12.34 3.99 6.35
C GLN C 22 11.25 4.57 5.48
N LYS C 23 11.53 5.72 4.88
CA LYS C 23 10.52 6.39 4.08
C LYS C 23 11.03 6.47 2.65
N VAL C 24 10.50 5.64 1.77
CA VAL C 24 10.91 5.67 0.38
C VAL C 24 9.86 6.44 -0.37
N VAL C 25 10.33 7.45 -1.07
CA VAL C 25 9.47 8.29 -1.85
C VAL C 25 9.91 8.48 -3.29
N TRP C 26 8.92 8.65 -4.13
CA TRP C 26 9.15 8.81 -5.56
C TRP C 26 9.62 10.23 -5.84
N VAL C 27 10.79 10.37 -6.45
CA VAL C 27 11.25 11.73 -6.71
C VAL C 27 11.96 11.75 -8.06
N GLU C 28 11.41 12.46 -9.05
CA GLU C 28 12.13 12.70 -10.32
C GLU C 28 13.46 13.41 -10.13
N GLU C 29 14.42 13.13 -10.99
CA GLU C 29 15.76 13.74 -10.86
C GLU C 29 15.72 15.27 -10.74
N SER C 30 14.87 15.91 -11.55
CA SER C 30 14.71 17.35 -11.53
C SER C 30 14.07 17.95 -10.27
N ASP C 31 13.49 17.13 -9.38
CA ASP C 31 12.89 17.64 -8.15
C ASP C 31 13.72 17.26 -6.88
N LYS C 32 14.77 16.45 -7.04
CA LYS C 32 15.51 15.97 -5.85
C LYS C 32 16.05 17.14 -5.02
N ARG C 33 16.55 18.17 -5.67
CA ARG C 33 17.22 19.20 -4.93
C ARG C 33 16.25 20.01 -4.10
N SER C 34 15.11 20.41 -4.71
CA SER C 34 13.99 21.09 -4.01
C SER C 34 13.40 20.21 -2.93
N PHE C 35 13.21 18.95 -3.25
CA PHE C 35 12.80 17.97 -2.25
C PHE C 35 13.69 17.91 -1.03
N LEU C 36 14.98 17.82 -1.29
CA LEU C 36 15.98 17.79 -0.22
C LEU C 36 15.86 18.99 0.69
N LEU C 37 15.71 20.18 0.10
CA LEU C 37 15.58 21.43 0.87
C LEU C 37 14.34 21.37 1.74
N ASP C 38 13.26 20.81 1.21
CA ASP C 38 12.03 20.85 2.01
C ASP C 38 12.23 19.88 3.20
N LEU C 39 12.91 18.78 2.92
CA LEU C 39 13.30 17.80 3.93
C LEU C 39 14.25 18.30 5.00
N LEU C 40 15.31 19.05 4.64
CA LEU C 40 16.20 19.67 5.58
C LEU C 40 15.48 20.79 6.34
N ASN C 41 14.55 21.46 5.68
CA ASN C 41 13.83 22.57 6.34
C ASN C 41 12.87 22.01 7.35
N THR C 43 12.00 18.45 8.20
CA THR C 43 12.60 17.56 9.20
C THR C 43 13.11 18.41 10.33
N GLY C 44 13.75 19.55 10.01
CA GLY C 44 14.34 20.42 11.03
C GLY C 44 15.63 19.85 11.59
N SER C 47 21.36 18.84 14.47
CA SER C 47 21.11 17.41 14.19
C SER C 47 21.74 16.89 12.86
N LEU C 48 22.50 15.82 12.98
CA LEU C 48 23.39 15.28 11.91
C LEU C 48 22.65 14.55 10.78
N THR C 49 22.80 15.02 9.52
CA THR C 49 22.17 14.40 8.38
C THR C 49 23.32 13.88 7.46
N LEU C 50 23.25 12.63 7.06
CA LEU C 50 24.19 12.03 6.12
C LEU C 50 23.43 11.88 4.81
N VAL C 51 23.98 12.42 3.74
CA VAL C 51 23.25 12.37 2.46
C VAL C 51 24.13 11.56 1.56
N PHE C 52 23.59 10.51 0.94
CA PHE C 52 24.37 9.69 0.02
C PHE C 52 24.00 9.99 -1.43
N VAL C 53 25.03 10.16 -2.27
CA VAL C 53 24.87 10.43 -3.72
C VAL C 53 25.71 9.44 -4.51
N GLU C 54 25.45 9.34 -5.81
CA GLU C 54 26.09 8.31 -6.58
C GLU C 54 27.56 8.60 -6.90
N THR C 55 27.87 9.84 -7.28
CA THR C 55 29.20 10.07 -7.88
C THR C 55 29.89 11.25 -7.27
N LYS C 56 31.21 11.37 -7.53
CA LYS C 56 31.99 12.45 -6.95
C LYS C 56 31.51 13.77 -7.49
N LYS C 57 31.20 13.80 -8.79
CA LYS C 57 30.69 14.99 -9.44
C LYS C 57 29.35 15.48 -8.81
N GLY C 58 28.42 14.55 -8.55
CA GLY C 58 27.17 14.88 -7.87
C GLY C 58 27.40 15.36 -6.44
N ALA C 59 28.34 14.74 -5.73
CA ALA C 59 28.61 15.18 -4.34
C ALA C 59 29.15 16.62 -4.34
N ASP C 60 30.12 16.91 -5.20
CA ASP C 60 30.71 18.24 -5.26
C ASP C 60 29.63 19.28 -5.54
N SER C 61 28.78 18.97 -6.48
CA SER C 61 27.75 19.89 -6.95
C SER C 61 26.65 20.07 -5.90
N LEU C 62 26.27 18.99 -5.19
CA LEU C 62 25.24 19.12 -4.19
C LEU C 62 25.81 19.86 -3.00
N GLU C 63 27.08 19.62 -2.65
CA GLU C 63 27.72 20.39 -1.61
C GLU C 63 27.66 21.88 -1.89
N ASP C 64 28.02 22.27 -3.11
CA ASP C 64 27.95 23.68 -3.53
C ASP C 64 26.53 24.23 -3.45
N PHE C 65 25.57 23.41 -3.85
CA PHE C 65 24.17 23.81 -3.85
C PHE C 65 23.74 24.10 -2.43
N LEU C 66 24.04 23.17 -1.52
CA LEU C 66 23.61 23.38 -0.12
C LEU C 66 24.27 24.57 0.52
N TYR C 67 25.53 24.75 0.24
CA TYR C 67 26.25 25.89 0.77
C TYR C 67 25.64 27.18 0.23
N HIS C 68 25.34 27.24 -1.05
CA HIS C 68 24.68 28.44 -1.57
C HIS C 68 23.25 28.66 -1.00
N GLU C 69 22.58 27.58 -0.63
CA GLU C 69 21.21 27.72 -0.07
C GLU C 69 21.23 28.08 1.42
N GLY C 70 22.43 28.18 1.99
CA GLY C 70 22.58 28.62 3.39
C GLY C 70 22.80 27.50 4.41
N TYR C 71 23.13 26.29 3.95
CA TYR C 71 23.41 25.15 4.84
C TYR C 71 24.90 24.87 4.99
N ALA C 72 25.38 24.80 6.23
CA ALA C 72 26.77 24.35 6.45
C ALA C 72 26.82 22.85 6.11
N CYS C 73 27.71 22.46 5.20
CA CYS C 73 27.84 21.05 4.88
C CYS C 73 29.28 20.71 4.53
N THR C 74 29.65 19.45 4.66
CA THR C 74 30.93 18.96 4.17
C THR C 74 30.66 17.73 3.34
N SER C 75 31.76 17.11 2.91
CA SER C 75 31.66 15.91 2.11
C SER C 75 32.85 14.97 2.28
N ILE C 76 32.65 13.71 1.91
CA ILE C 76 33.75 12.77 1.91
C ILE C 76 33.62 12.01 0.64
N HIS C 77 34.70 11.87 -0.11
CA HIS C 77 34.72 10.84 -1.13
C HIS C 77 36.11 10.43 -1.53
N GLY C 78 36.18 9.60 -2.58
CA GLY C 78 37.47 9.02 -3.07
C GLY C 78 38.58 9.94 -3.57
N ASP C 79 38.21 11.09 -4.14
CA ASP C 79 39.18 12.11 -4.58
C ASP C 79 39.67 13.07 -3.47
N ARG C 80 39.16 12.87 -2.26
CA ARG C 80 39.66 13.55 -1.06
C ARG C 80 40.62 12.66 -0.24
N SER C 81 41.35 13.24 0.72
CA SER C 81 42.17 12.47 1.66
C SER C 81 41.71 12.72 3.10
N ARG C 85 39.26 14.94 4.65
CA ARG C 85 38.55 13.77 5.10
C ARG C 85 38.43 13.72 6.62
N GLU C 86 39.56 13.72 7.33
CA GLU C 86 39.56 13.80 8.80
C GLU C 86 38.95 15.12 9.30
N GLU C 87 39.17 16.20 8.55
CA GLU C 87 38.55 17.51 8.83
C GLU C 87 37.03 17.47 8.57
N ALA C 88 36.62 16.81 7.50
CA ALA C 88 35.20 16.62 7.21
C ALA C 88 34.51 15.84 8.34
N LEU C 89 35.12 14.72 8.76
CA LEU C 89 34.58 13.92 9.86
C LEU C 89 34.49 14.73 11.13
N HIS C 90 35.53 15.50 11.43
CA HIS C 90 35.55 16.32 12.64
C HIS C 90 34.48 17.42 12.56
N GLN C 91 34.37 18.10 11.40
CA GLN C 91 33.39 19.15 11.24
C GLN C 91 31.98 18.61 11.35
N PHE C 92 31.79 17.38 10.88
CA PHE C 92 30.46 16.77 10.93
C PHE C 92 30.21 16.28 12.32
N ARG C 93 31.09 15.48 12.88
CA ARG C 93 30.73 14.83 14.14
C ARG C 93 30.65 15.86 15.24
N SER C 94 31.32 17.00 15.05
CA SER C 94 31.33 18.08 16.03
C SER C 94 30.18 19.06 15.85
N GLY C 95 29.27 18.80 14.91
CA GLY C 95 28.09 19.62 14.73
C GLY C 95 28.35 20.92 14.01
N LYS C 96 29.59 21.08 13.60
CA LYS C 96 30.02 22.28 12.93
C LYS C 96 29.43 22.38 11.52
N SER C 97 29.51 21.30 10.74
CA SER C 97 28.82 21.23 9.46
C SER C 97 27.92 20.04 9.60
N PRO C 98 26.67 20.25 10.05
CA PRO C 98 25.79 19.10 10.40
C PRO C 98 25.25 18.28 9.23
N ILE C 99 25.54 18.67 8.00
CA ILE C 99 25.21 17.82 6.82
C ILE C 99 26.50 17.32 6.20
N LEU C 100 26.58 16.03 5.91
CA LEU C 100 27.74 15.45 5.26
C LEU C 100 27.26 14.70 4.03
N VAL C 101 27.83 15.05 2.89
CA VAL C 101 27.46 14.39 1.64
C VAL C 101 28.51 13.32 1.37
N ALA C 102 28.10 12.08 1.16
CA ALA C 102 29.10 11.05 0.88
C ALA C 102 28.76 10.36 -0.44
N THR C 103 29.79 9.88 -1.16
CA THR C 103 29.51 9.08 -2.34
C THR C 103 29.16 7.64 -2.04
N ALA C 104 28.72 6.93 -3.09
CA ALA C 104 28.31 5.57 -2.96
C ALA C 104 29.53 4.75 -2.56
N VAL C 105 30.69 5.12 -3.06
CA VAL C 105 31.92 4.41 -2.76
C VAL C 105 32.44 4.74 -1.32
N ALA C 106 32.32 6.00 -0.91
CA ALA C 106 32.81 6.39 0.41
C ALA C 106 31.94 5.73 1.52
N ALA C 107 30.79 5.20 1.13
CA ALA C 107 29.85 4.60 2.07
C ALA C 107 30.46 3.44 2.89
N ARG C 108 31.22 2.57 2.24
CA ARG C 108 31.77 1.43 2.95
C ARG C 108 32.97 1.88 3.79
N GLY C 109 32.96 1.56 5.10
CA GLY C 109 34.03 1.97 6.01
C GLY C 109 33.99 3.46 6.29
N LEU C 110 32.86 4.10 6.01
CA LEU C 110 32.62 5.52 6.39
C LEU C 110 32.89 5.85 7.88
N ASP C 111 32.67 4.89 8.79
CA ASP C 111 33.02 5.07 10.21
C ASP C 111 32.19 6.16 10.95
N ILE C 112 30.92 6.29 10.58
CA ILE C 112 30.01 7.32 11.09
C ILE C 112 28.70 6.59 11.41
N SER C 113 28.21 6.70 12.64
CA SER C 113 26.93 6.13 12.95
C SER C 113 26.22 6.98 14.00
N ASN C 114 25.04 6.52 14.40
CA ASN C 114 24.11 7.27 15.26
C ASN C 114 23.78 8.62 14.71
N VAL C 115 23.59 8.82 13.38
CA VAL C 115 23.14 10.16 12.98
C VAL C 115 21.62 10.27 13.07
N LYS C 116 21.09 11.49 13.03
CA LYS C 116 19.63 11.66 13.13
C LYS C 116 18.87 11.27 11.84
N HIS C 117 19.50 11.43 10.71
CA HIS C 117 18.77 11.21 9.46
C HIS C 117 19.72 10.79 8.39
N VAL C 118 19.40 9.70 7.71
CA VAL C 118 20.17 9.29 6.54
C VAL C 118 19.25 9.58 5.38
N ILE C 119 19.79 10.19 4.34
CA ILE C 119 19.03 10.49 3.13
C ILE C 119 19.70 9.88 1.93
N ASN C 120 19.03 8.94 1.31
CA ASN C 120 19.61 8.41 0.06
C ASN C 120 19.12 9.30 -1.07
N PHE C 121 19.88 10.36 -1.40
CA PHE C 121 19.55 11.25 -2.51
C PHE C 121 19.58 10.47 -3.79
N ASP C 122 20.60 9.62 -3.93
CA ASP C 122 20.59 8.59 -4.96
C ASP C 122 20.61 7.25 -4.22
N LEU C 123 19.70 6.33 -4.62
CA LEU C 123 19.74 4.96 -4.13
C LEU C 123 20.94 4.23 -4.75
N PRO C 124 21.52 3.20 -4.07
CA PRO C 124 22.61 2.38 -4.66
C PRO C 124 22.07 1.30 -5.56
N SER C 125 22.95 0.67 -6.33
CA SER C 125 22.49 -0.38 -7.24
C SER C 125 22.27 -1.71 -6.52
N ASP C 126 22.86 -1.88 -5.35
CA ASP C 126 22.75 -3.14 -4.65
C ASP C 126 22.11 -2.95 -3.27
N ILE C 127 21.21 -3.84 -2.91
CA ILE C 127 20.51 -3.71 -1.63
C ILE C 127 21.38 -3.80 -0.36
N GLU C 128 22.48 -4.55 -0.44
CA GLU C 128 23.38 -4.68 0.72
C GLU C 128 24.00 -3.32 0.99
N GLU C 129 24.17 -2.50 -0.06
CA GLU C 129 24.69 -1.13 0.16
C GLU C 129 23.64 -0.26 0.85
N TYR C 130 22.38 -0.36 0.42
CA TYR C 130 21.28 0.25 1.17
C TYR C 130 21.29 -0.08 2.69
N VAL C 131 21.45 -1.37 3.00
CA VAL C 131 21.42 -1.85 4.38
C VAL C 131 22.44 -1.11 5.22
N HIS C 132 23.70 -1.08 4.77
CA HIS C 132 24.74 -0.44 5.58
C HIS C 132 24.63 1.07 5.59
N ARG C 133 24.09 1.69 4.51
CA ARG C 133 23.83 3.14 4.60
C ARG C 133 22.83 3.51 5.69
N ILE C 134 21.68 2.82 5.71
CA ILE C 134 20.64 3.21 6.61
C ILE C 134 20.97 2.76 8.00
N GLY C 135 21.91 1.82 8.16
CA GLY C 135 22.28 1.38 9.54
C GLY C 135 23.06 2.44 10.32
N ARG C 136 23.49 3.48 9.62
CA ARG C 136 24.22 4.60 10.22
C ARG C 136 23.32 5.61 10.96
N THR C 137 21.98 5.42 10.94
CA THR C 137 21.08 6.30 11.76
C THR C 137 20.52 5.47 12.87
N GLY C 138 20.28 6.12 14.03
CA GLY C 138 19.69 5.43 15.21
C GLY C 138 20.74 4.81 16.12
N ARG C 139 20.29 4.50 17.33
CA ARG C 139 21.12 4.09 18.48
C ARG C 139 20.24 3.15 19.29
N VAL C 140 20.83 2.43 20.24
CA VAL C 140 20.03 1.47 20.95
C VAL C 140 18.98 2.25 21.73
N GLY C 141 17.74 1.83 21.66
CA GLY C 141 16.72 2.49 22.48
C GLY C 141 16.11 3.70 21.78
N ASN C 142 16.54 4.00 20.56
CA ASN C 142 16.03 5.17 19.79
C ASN C 142 15.56 4.62 18.42
N LEU C 143 14.82 5.41 17.64
CA LEU C 143 14.56 5.05 16.22
C LEU C 143 15.44 5.89 15.35
N GLY C 144 15.98 5.27 14.31
CA GLY C 144 16.66 5.99 13.23
C GLY C 144 15.65 6.46 12.20
N LEU C 145 16.12 7.27 11.26
CA LEU C 145 15.27 7.78 10.17
C LEU C 145 16.10 7.74 8.90
N ALA C 146 15.59 6.98 7.92
CA ALA C 146 16.20 6.97 6.63
C ALA C 146 15.19 7.26 5.54
N THR C 147 15.44 8.34 4.83
CA THR C 147 14.55 8.71 3.73
C THR C 147 15.29 8.47 2.42
N SER C 148 14.60 7.91 1.44
CA SER C 148 15.27 7.55 0.18
C SER C 148 14.42 8.04 -0.98
N PHE C 149 15.07 8.54 -2.01
CA PHE C 149 14.41 9.12 -3.19
C PHE C 149 14.55 8.09 -4.26
N PHE C 150 13.42 7.73 -4.85
CA PHE C 150 13.40 6.65 -5.84
C PHE C 150 12.84 7.12 -7.16
N ASN C 151 13.42 6.69 -8.30
CA ASN C 151 12.73 6.88 -9.55
C ASN C 151 13.08 5.73 -10.55
N GLU C 152 12.81 5.93 -11.82
CA GLU C 152 12.97 4.82 -12.79
C GLU C 152 14.43 4.36 -12.88
N ARG C 153 15.35 5.25 -12.52
CA ARG C 153 16.77 4.92 -12.49
C ARG C 153 17.00 3.70 -11.58
N ASN C 154 16.06 3.47 -10.67
CA ASN C 154 16.23 2.54 -9.52
C ASN C 154 15.46 1.25 -9.74
N ILE C 155 14.99 1.00 -10.98
CA ILE C 155 14.13 -0.15 -11.25
C ILE C 155 14.81 -1.47 -10.84
N ASN C 156 16.13 -1.49 -10.99
CA ASN C 156 16.97 -2.65 -10.67
C ASN C 156 16.87 -3.11 -9.19
N ILE C 157 16.62 -2.18 -8.29
CA ILE C 157 16.54 -2.50 -6.85
C ILE C 157 15.07 -2.68 -6.35
N THR C 158 14.09 -2.53 -7.23
CA THR C 158 12.68 -2.59 -6.86
C THR C 158 12.35 -3.79 -5.93
N LYS C 159 12.57 -5.01 -6.42
CA LYS C 159 12.12 -6.19 -5.67
C LYS C 159 12.85 -6.39 -4.33
N ASP C 160 14.18 -6.21 -4.35
CA ASP C 160 14.98 -6.34 -3.16
C ASP C 160 14.59 -5.32 -2.12
N LEU C 161 14.31 -4.09 -2.53
CA LEU C 161 13.91 -3.02 -1.57
C LEU C 161 12.56 -3.34 -0.97
N LEU C 162 11.61 -3.74 -1.81
CA LEU C 162 10.28 -4.16 -1.32
C LEU C 162 10.40 -5.27 -0.29
N ASP C 163 11.13 -6.33 -0.61
CA ASP C 163 11.31 -7.47 0.29
C ASP C 163 11.87 -6.98 1.62
N LEU C 164 12.80 -6.03 1.58
CA LEU C 164 13.38 -5.48 2.82
C LEU C 164 12.35 -4.70 3.67
N LEU C 165 11.59 -3.81 3.01
CA LEU C 165 10.59 -2.99 3.70
C LEU C 165 9.55 -3.92 4.34
N VAL C 166 9.13 -4.93 3.60
CA VAL C 166 8.17 -5.90 4.12
C VAL C 166 8.76 -6.61 5.34
N GLU C 167 10.00 -7.07 5.22
CA GLU C 167 10.59 -7.86 6.30
C GLU C 167 10.81 -7.01 7.56
N ALA C 168 11.07 -5.70 7.40
CA ALA C 168 11.25 -4.77 8.53
C ALA C 168 9.94 -4.09 9.02
N LYS C 169 8.80 -4.56 8.49
CA LYS C 169 7.46 -4.01 8.77
C LYS C 169 7.31 -2.49 8.49
N GLN C 170 7.91 -2.04 7.39
CA GLN C 170 7.98 -0.64 7.07
C GLN C 170 6.85 -0.29 6.14
N GLU C 171 6.61 1.00 5.92
CA GLU C 171 5.59 1.45 4.99
C GLU C 171 6.03 1.08 3.58
N VAL C 172 5.07 0.56 2.81
CA VAL C 172 5.35 0.13 1.46
C VAL C 172 4.48 0.98 0.57
N PRO C 173 5.10 1.90 -0.18
CA PRO C 173 4.39 2.75 -1.12
C PRO C 173 3.66 1.87 -2.15
N SER C 174 2.49 2.29 -2.59
CA SER C 174 1.74 1.56 -3.58
C SER C 174 2.51 1.44 -4.92
N TRP C 175 3.23 2.48 -5.30
CA TRP C 175 3.94 2.47 -6.58
C TRP C 175 5.06 1.39 -6.49
N LEU C 176 5.59 1.12 -5.29
CA LEU C 176 6.70 0.13 -5.15
C LEU C 176 6.19 -1.25 -5.35
N GLU C 177 5.05 -1.50 -4.72
CA GLU C 177 4.36 -2.76 -4.89
C GLU C 177 4.03 -2.98 -6.34
N ASN C 178 3.49 -1.95 -6.99
CA ASN C 178 3.02 -2.18 -8.37
C ASN C 178 4.19 -2.31 -9.37
N MET C 179 5.28 -1.66 -9.05
CA MET C 179 6.49 -1.82 -9.84
C MET C 179 7.18 -3.16 -9.65
N ALA C 180 7.24 -3.62 -8.41
CA ALA C 180 7.65 -4.99 -8.13
C ALA C 180 6.71 -5.98 -8.81
#